data_7W78
#
_entry.id   7W78
#
_cell.length_a   168.981
_cell.length_b   168.981
_cell.length_c   94.665
_cell.angle_alpha   90.000
_cell.angle_beta   90.000
_cell.angle_gamma   90.000
#
_symmetry.space_group_name_H-M   'P 42 21 2'
#
loop_
_entity.id
_entity.type
_entity.pdbx_description
1 polymer 'Putative ABC transport system, ATP-binding protein'
2 polymer 'Putative ABC transport system integral membrane protein'
3 non-polymer 'MAGNESIUM ION'
4 non-polymer 'PHOSPHOAMINOPHOSPHONIC ACID-ADENYLATE ESTER'
5 non-polymer 'ACETATE ION'
6 non-polymer GLYCEROL
7 non-polymer 'Myristoleic acid'
8 non-polymer DODECANE
9 water water
#
loop_
_entity_poly.entity_id
_entity_poly.type
_entity_poly.pdbx_seq_one_letter_code
_entity_poly.pdbx_strand_id
1 'polypeptide(L)'
;MSAAPVLSITNASVVYPDGISTVTALDSANVEIFPGELVAIVGESGSGKSTLLSIAGFLQEPTSGTVTLHGAEGLDATST
RREHIGFVFQQPNLLGSLTAREQLLITDHLRGIKPRKDRADELLARVGLKGLGGRRVAQLSGGQRQRVNIARALMGNPQL
LLADEPTSALDARLSKEIVELLRDVTKEFALATLMVTHDRSQLAYADRFVEMADGKALQTA
;
A
2 'polypeptide(L)'
;MFLGIRDIRAAAGRFALIASVVGLITLLIVMLTGLTQGLGKQNTSAIEALAPHSVVFTTAGGSSPEFTSSEISEQQAERW
KDSTPLGVSQTRIESDQNANTTAVMGLPEGTPLPDSVGGFIEQGALLPAELADFLHVRAGDHITLGGATVTVAGTVKTEN
YSHTPVVWVDTATWQLVSHTKAVGTVLLLNQEPTIQPQDNEVVTDLKGAFQAMPAYKSERSSLLSMQAFLYIISALVTVA
FLTVWTLQRTRDIAVLAALGASKRYLLIDALGQAAIILAAGVALGAGIGALLGWLIAGSVPFSLGWVSVLGPALGIWLLG
LIGATIAVRNVTKVDPQIALGATA
;
B
#
# COMPACT_ATOMS: atom_id res chain seq x y z
N ALA A 3 -12.29 11.99 -51.92
CA ALA A 3 -11.50 11.96 -50.69
C ALA A 3 -12.38 12.19 -49.47
N ALA A 4 -12.45 11.17 -48.61
CA ALA A 4 -13.25 11.28 -47.39
C ALA A 4 -12.53 12.13 -46.35
N PRO A 5 -13.28 12.87 -45.54
CA PRO A 5 -12.63 13.69 -44.50
C PRO A 5 -11.95 12.82 -43.44
N VAL A 6 -10.89 13.38 -42.86
CA VAL A 6 -10.27 12.73 -41.72
C VAL A 6 -11.06 13.00 -40.45
N LEU A 7 -11.57 14.22 -40.31
CA LEU A 7 -12.31 14.62 -39.13
C LEU A 7 -13.57 15.36 -39.55
N SER A 8 -14.69 15.02 -38.93
CA SER A 8 -15.96 15.69 -39.15
C SER A 8 -16.48 16.18 -37.80
N ILE A 9 -16.48 17.50 -37.62
CA ILE A 9 -17.18 18.14 -36.51
C ILE A 9 -18.51 18.61 -37.08
N THR A 10 -19.57 17.85 -36.82
CA THR A 10 -20.88 18.09 -37.41
C THR A 10 -21.79 18.68 -36.34
N ASN A 11 -21.97 20.01 -36.39
CA ASN A 11 -22.98 20.71 -35.62
C ASN A 11 -22.77 20.51 -34.10
N ALA A 12 -21.65 21.02 -33.62
CA ALA A 12 -21.18 20.75 -32.26
C ALA A 12 -21.24 21.99 -31.38
N SER A 13 -21.53 21.78 -30.10
CA SER A 13 -21.62 22.86 -29.13
C SER A 13 -21.04 22.41 -27.79
N VAL A 14 -20.55 23.39 -27.03
CA VAL A 14 -20.10 23.16 -25.65
C VAL A 14 -20.71 24.25 -24.78
N VAL A 15 -21.40 23.83 -23.72
CA VAL A 15 -22.06 24.74 -22.79
C VAL A 15 -21.58 24.40 -21.39
N TYR A 16 -21.00 25.39 -20.70
CA TYR A 16 -20.56 25.22 -19.32
C TYR A 16 -21.51 25.92 -18.36
N PRO A 17 -21.67 25.38 -17.14
CA PRO A 17 -22.48 26.07 -16.13
C PRO A 17 -21.69 27.16 -15.42
N ASP A 18 -22.24 28.36 -15.38
CA ASP A 18 -21.61 29.48 -14.67
C ASP A 18 -22.37 29.78 -13.38
N GLY A 19 -22.42 28.78 -12.51
CA GLY A 19 -23.21 28.91 -11.30
C GLY A 19 -24.70 28.87 -11.60
N ILE A 20 -25.36 30.02 -11.50
CA ILE A 20 -26.78 30.08 -11.84
C ILE A 20 -26.96 30.04 -13.35
N SER A 21 -26.23 30.89 -14.07
CA SER A 21 -26.37 30.94 -15.53
C SER A 21 -25.51 29.87 -16.18
N THR A 22 -25.28 30.00 -17.48
CA THR A 22 -24.48 29.06 -18.25
C THR A 22 -23.73 29.85 -19.31
N VAL A 23 -22.58 29.32 -19.74
CA VAL A 23 -21.74 29.96 -20.74
C VAL A 23 -21.64 29.04 -21.95
N THR A 24 -21.90 29.59 -23.14
CA THR A 24 -21.86 28.80 -24.38
C THR A 24 -20.51 29.04 -25.06
N ALA A 25 -19.53 28.21 -24.69
CA ALA A 25 -18.17 28.39 -25.18
C ALA A 25 -18.08 28.18 -26.69
N LEU A 26 -18.87 27.25 -27.24
CA LEU A 26 -18.86 26.92 -28.65
C LEU A 26 -20.29 26.68 -29.11
N ASP A 27 -20.64 27.21 -30.28
CA ASP A 27 -22.04 27.26 -30.71
C ASP A 27 -22.18 26.80 -32.16
N SER A 28 -22.57 25.54 -32.35
CA SER A 28 -22.97 24.98 -33.65
C SER A 28 -21.80 24.95 -34.64
N ALA A 29 -20.67 24.42 -34.17
CA ALA A 29 -19.49 24.33 -35.00
C ALA A 29 -19.69 23.30 -36.10
N ASN A 30 -19.37 23.68 -37.34
CA ASN A 30 -19.39 22.75 -38.46
C ASN A 30 -18.04 22.84 -39.15
N VAL A 31 -17.21 21.81 -38.94
CA VAL A 31 -15.86 21.77 -39.47
C VAL A 31 -15.61 20.37 -40.05
N GLU A 32 -14.98 20.34 -41.22
CA GLU A 32 -14.67 19.09 -41.91
C GLU A 32 -13.32 19.26 -42.59
N ILE A 33 -12.36 18.39 -42.28
CA ILE A 33 -11.01 18.52 -42.81
C ILE A 33 -10.56 17.23 -43.44
N PHE A 34 -9.93 17.37 -44.58
CA PHE A 34 -9.51 16.30 -45.45
C PHE A 34 -8.01 16.13 -45.36
N PRO A 35 -7.47 15.01 -45.84
CA PRO A 35 -6.03 14.76 -45.70
C PRO A 35 -5.21 15.85 -46.39
N GLY A 36 -3.98 16.05 -45.88
CA GLY A 36 -3.10 17.05 -46.43
C GLY A 36 -3.55 18.48 -46.26
N GLU A 37 -4.65 18.72 -45.55
CA GLU A 37 -5.11 20.07 -45.29
C GLU A 37 -4.52 20.59 -44.00
N LEU A 38 -4.10 21.85 -44.01
CA LEU A 38 -3.77 22.59 -42.80
C LEU A 38 -4.74 23.76 -42.73
N VAL A 39 -5.70 23.66 -41.82
CA VAL A 39 -6.72 24.69 -41.63
C VAL A 39 -6.34 25.52 -40.41
N ALA A 40 -6.16 26.82 -40.61
CA ALA A 40 -5.87 27.70 -39.50
C ALA A 40 -7.16 28.11 -38.81
N ILE A 41 -7.04 28.53 -37.55
CA ILE A 41 -8.17 29.01 -36.78
C ILE A 41 -7.79 30.31 -36.10
N VAL A 42 -8.54 31.36 -36.42
CA VAL A 42 -8.27 32.74 -36.01
C VAL A 42 -9.44 33.20 -35.15
N GLY A 43 -9.19 34.22 -34.35
CA GLY A 43 -10.25 34.81 -33.54
C GLY A 43 -9.68 35.40 -32.27
N GLU A 44 -10.49 36.23 -31.63
CA GLU A 44 -10.01 36.92 -30.45
C GLU A 44 -9.88 35.98 -29.27
N SER A 45 -9.10 36.43 -28.29
CA SER A 45 -8.96 35.71 -27.04
C SER A 45 -10.32 35.46 -26.41
N GLY A 46 -10.68 34.18 -26.28
CA GLY A 46 -11.95 33.79 -25.73
C GLY A 46 -13.05 33.53 -26.73
N SER A 47 -12.73 33.43 -28.03
CA SER A 47 -13.76 33.23 -29.03
C SER A 47 -14.14 31.76 -29.21
N GLY A 48 -13.36 30.82 -28.66
CA GLY A 48 -13.73 29.42 -28.71
C GLY A 48 -12.76 28.55 -29.46
N LYS A 49 -11.56 29.08 -29.71
CA LYS A 49 -10.59 28.38 -30.56
C LYS A 49 -10.11 27.09 -29.89
N SER A 50 -9.68 27.18 -28.62
CA SER A 50 -9.25 25.97 -27.92
C SER A 50 -10.42 25.05 -27.63
N THR A 51 -11.61 25.60 -27.38
CA THR A 51 -12.78 24.76 -27.19
C THR A 51 -13.06 23.92 -28.43
N LEU A 52 -12.87 24.49 -29.62
CA LEU A 52 -13.06 23.72 -30.84
C LEU A 52 -12.05 22.58 -30.94
N LEU A 53 -10.79 22.84 -30.58
CA LEU A 53 -9.80 21.77 -30.62
C LEU A 53 -10.03 20.73 -29.52
N SER A 54 -10.59 21.15 -28.38
CA SER A 54 -10.81 20.20 -27.29
C SER A 54 -11.78 19.10 -27.69
N ILE A 55 -12.81 19.43 -28.46
CA ILE A 55 -13.70 18.38 -28.94
C ILE A 55 -13.15 17.72 -30.21
N ALA A 56 -12.45 18.48 -31.06
CA ALA A 56 -11.76 17.87 -32.20
C ALA A 56 -10.81 16.79 -31.73
N GLY A 57 -10.19 16.98 -30.57
CA GLY A 57 -9.23 16.05 -30.01
C GLY A 57 -9.78 15.04 -29.03
N PHE A 58 -11.10 14.98 -28.86
CA PHE A 58 -11.74 14.02 -27.95
C PHE A 58 -11.27 14.19 -26.51
N LEU A 59 -10.89 15.43 -26.14
CA LEU A 59 -10.63 15.74 -24.75
C LEU A 59 -11.92 15.84 -23.94
N GLN A 60 -13.03 16.16 -24.59
CA GLN A 60 -14.34 16.13 -23.98
C GLN A 60 -15.38 15.84 -25.06
N GLU A 61 -16.47 15.22 -24.66
CA GLU A 61 -17.52 15.08 -25.65
C GLU A 61 -18.33 16.38 -25.73
N PRO A 62 -18.79 16.76 -26.92
CA PRO A 62 -19.59 17.99 -27.04
C PRO A 62 -20.90 17.83 -26.30
N THR A 63 -21.45 18.95 -25.83
CA THR A 63 -22.74 18.88 -25.16
C THR A 63 -23.89 18.68 -26.14
N SER A 64 -23.70 19.04 -27.41
CA SER A 64 -24.66 18.78 -28.46
C SER A 64 -23.90 18.56 -29.77
N GLY A 65 -24.40 17.66 -30.61
CA GLY A 65 -23.72 17.33 -31.85
C GLY A 65 -22.62 16.32 -31.66
N THR A 66 -21.99 15.94 -32.77
CA THR A 66 -21.05 14.82 -32.78
C THR A 66 -19.74 15.21 -33.46
N VAL A 67 -18.69 14.47 -33.07
CA VAL A 67 -17.35 14.57 -33.66
C VAL A 67 -16.91 13.17 -34.02
N THR A 68 -16.52 12.97 -35.28
CA THR A 68 -16.15 11.64 -35.77
C THR A 68 -14.80 11.70 -36.46
N LEU A 69 -13.85 10.91 -35.97
CA LEU A 69 -12.63 10.61 -36.69
C LEU A 69 -12.85 9.30 -37.43
N HIS A 70 -12.83 9.32 -38.75
CA HIS A 70 -13.11 8.08 -39.47
C HIS A 70 -11.82 7.32 -39.74
N GLY A 71 -11.97 6.01 -39.87
CA GLY A 71 -10.84 5.14 -39.66
C GLY A 71 -10.50 4.97 -38.20
N ALA A 72 -11.37 5.47 -37.31
CA ALA A 72 -11.26 5.21 -35.88
C ALA A 72 -12.62 5.09 -35.22
N GLU A 73 -13.71 5.17 -35.98
CA GLU A 73 -15.00 4.75 -35.48
C GLU A 73 -14.93 3.33 -34.96
N GLY A 74 -15.75 3.03 -33.95
CA GLY A 74 -15.56 1.78 -33.23
C GLY A 74 -14.40 1.81 -32.28
N LEU A 75 -14.01 2.99 -31.80
CA LEU A 75 -12.99 3.15 -30.78
C LEU A 75 -13.45 4.18 -29.77
N ASP A 76 -13.04 4.00 -28.52
CA ASP A 76 -13.31 4.96 -27.48
C ASP A 76 -12.45 6.21 -27.67
N ALA A 77 -12.81 7.27 -26.95
CA ALA A 77 -12.08 8.53 -27.04
C ALA A 77 -10.60 8.34 -26.77
N THR A 78 -10.26 7.61 -25.70
CA THR A 78 -8.86 7.48 -25.28
C THR A 78 -8.02 6.80 -26.36
N SER A 79 -8.47 5.64 -26.84
CA SER A 79 -7.72 4.95 -27.88
C SER A 79 -7.63 5.77 -29.16
N THR A 80 -8.64 6.60 -29.43
CA THR A 80 -8.60 7.47 -30.60
C THR A 80 -7.46 8.48 -30.49
N ARG A 81 -7.37 9.17 -29.34
CA ARG A 81 -6.27 10.11 -29.13
C ARG A 81 -4.92 9.42 -29.26
N ARG A 82 -4.77 8.27 -28.62
CA ARG A 82 -3.47 7.60 -28.56
C ARG A 82 -2.93 7.28 -29.96
N GLU A 83 -3.79 6.81 -30.86
CA GLU A 83 -3.33 6.23 -32.12
C GLU A 83 -3.42 7.17 -33.32
N HIS A 84 -4.22 8.23 -33.24
CA HIS A 84 -4.55 8.99 -34.45
C HIS A 84 -4.42 10.50 -34.30
N ILE A 85 -4.13 11.02 -33.11
CA ILE A 85 -4.16 12.45 -32.86
C ILE A 85 -2.86 12.88 -32.19
N GLY A 86 -2.38 14.07 -32.56
CA GLY A 86 -1.26 14.69 -31.88
C GLY A 86 -1.63 16.08 -31.41
N PHE A 87 -1.33 16.39 -30.14
CA PHE A 87 -1.75 17.63 -29.51
C PHE A 87 -0.55 18.53 -29.24
N VAL A 88 -0.65 19.79 -29.68
CA VAL A 88 0.24 20.85 -29.21
C VAL A 88 -0.61 21.76 -28.33
N PHE A 89 -0.61 21.50 -27.02
CA PHE A 89 -1.43 22.25 -26.10
C PHE A 89 -0.98 23.71 -26.07
N GLN A 90 -1.91 24.57 -25.65
CA GLN A 90 -1.61 26.00 -25.59
C GLN A 90 -0.46 26.28 -24.62
N GLN A 91 -0.60 25.79 -23.40
CA GLN A 91 0.52 25.71 -22.47
C GLN A 91 1.35 24.47 -22.78
N PRO A 92 2.65 24.48 -22.47
CA PRO A 92 3.51 23.36 -22.89
C PRO A 92 3.10 22.01 -22.33
N ASN A 93 2.58 21.97 -21.10
CA ASN A 93 2.09 20.72 -20.49
C ASN A 93 3.18 19.64 -20.49
N LEU A 94 4.35 20.00 -19.99
CA LEU A 94 5.45 19.05 -19.88
C LEU A 94 5.42 18.35 -18.53
N LEU A 95 5.71 17.05 -18.54
CA LEU A 95 5.72 16.28 -17.30
C LEU A 95 6.97 16.61 -16.48
N GLY A 96 6.76 16.88 -15.19
CA GLY A 96 7.76 17.58 -14.40
C GLY A 96 9.09 16.88 -14.27
N SER A 97 9.10 15.55 -14.23
CA SER A 97 10.32 14.81 -13.91
C SER A 97 11.06 14.28 -15.13
N LEU A 98 10.53 14.47 -16.33
CA LEU A 98 11.20 13.96 -17.51
C LEU A 98 12.15 15.00 -18.10
N THR A 99 13.12 14.52 -18.86
CA THR A 99 13.95 15.43 -19.64
C THR A 99 13.27 15.70 -20.98
N ALA A 100 13.73 16.77 -21.65
CA ALA A 100 13.16 17.13 -22.95
C ALA A 100 13.10 15.92 -23.86
N ARG A 101 14.19 15.17 -23.95
CA ARG A 101 14.22 13.95 -24.74
CA ARG A 101 14.23 13.95 -24.74
C ARG A 101 13.14 12.98 -24.30
N GLU A 102 12.98 12.80 -22.99
CA GLU A 102 12.01 11.82 -22.49
C GLU A 102 10.58 12.31 -22.64
N GLN A 103 10.37 13.63 -22.70
CA GLN A 103 9.03 14.16 -22.98
C GLN A 103 8.48 13.59 -24.28
N LEU A 104 9.35 13.33 -25.26
CA LEU A 104 8.95 12.67 -26.49
C LEU A 104 8.86 11.15 -26.29
N LEU A 105 9.89 10.58 -25.64
CA LEU A 105 9.98 9.13 -25.53
C LEU A 105 8.76 8.52 -24.85
N ILE A 106 8.18 9.23 -23.87
CA ILE A 106 7.11 8.62 -23.10
C ILE A 106 5.88 8.38 -23.95
N THR A 107 5.68 9.16 -25.02
CA THR A 107 4.55 8.91 -25.91
C THR A 107 4.72 7.57 -26.63
N ASP A 108 5.94 7.22 -27.01
CA ASP A 108 6.20 5.87 -27.49
C ASP A 108 5.83 4.84 -26.45
N HIS A 109 6.15 5.12 -25.18
CA HIS A 109 5.89 4.17 -24.12
C HIS A 109 4.40 3.92 -23.96
N LEU A 110 3.60 5.00 -23.88
CA LEU A 110 2.16 4.83 -23.71
C LEU A 110 1.51 4.21 -24.93
N ARG A 111 2.10 4.40 -26.11
CA ARG A 111 1.58 3.74 -27.31
C ARG A 111 2.11 2.32 -27.47
N GLY A 112 2.80 1.80 -26.46
CA GLY A 112 3.10 0.38 -26.40
C GLY A 112 4.22 -0.11 -27.30
N ILE A 113 5.15 0.75 -27.70
CA ILE A 113 6.29 0.37 -28.51
C ILE A 113 7.55 0.87 -27.82
N LYS A 114 8.66 0.20 -28.11
CA LYS A 114 9.93 0.54 -27.47
C LYS A 114 10.37 1.95 -27.88
N PRO A 115 10.56 2.87 -26.93
CA PRO A 115 11.02 4.21 -27.27
C PRO A 115 12.21 4.26 -28.22
N ARG A 116 12.06 5.07 -29.26
CA ARG A 116 13.11 5.29 -30.27
C ARG A 116 13.86 6.57 -29.96
N LYS A 117 15.05 6.35 -29.43
CA LYS A 117 15.87 7.39 -28.86
C LYS A 117 16.37 8.35 -29.95
N ASP A 118 16.64 7.83 -31.14
CA ASP A 118 17.18 8.66 -32.21
C ASP A 118 16.10 9.50 -32.87
N ARG A 119 14.90 8.94 -33.00
CA ARG A 119 13.77 9.72 -33.49
C ARG A 119 13.57 10.98 -32.67
N ALA A 120 13.77 10.89 -31.36
CA ALA A 120 13.48 12.02 -30.49
C ALA A 120 14.49 13.16 -30.67
N ASP A 121 15.77 12.84 -30.79
CA ASP A 121 16.73 13.95 -30.91
C ASP A 121 16.66 14.59 -32.30
N GLU A 122 16.20 13.86 -33.31
CA GLU A 122 15.95 14.47 -34.60
C GLU A 122 14.82 15.49 -34.52
N LEU A 123 13.67 15.06 -33.98
CA LEU A 123 12.54 15.97 -33.82
C LEU A 123 12.90 17.15 -32.92
N LEU A 124 13.70 16.90 -31.88
CA LEU A 124 14.19 18.00 -31.05
C LEU A 124 15.10 18.93 -31.83
N ALA A 125 15.93 18.38 -32.71
CA ALA A 125 16.78 19.22 -33.54
C ALA A 125 15.96 20.04 -34.52
N ARG A 126 14.90 19.45 -35.07
CA ARG A 126 14.10 20.16 -36.06
C ARG A 126 13.44 21.41 -35.50
N VAL A 127 13.07 21.39 -34.22
CA VAL A 127 12.42 22.55 -33.63
C VAL A 127 13.48 23.45 -33.01
N GLY A 128 14.74 23.24 -33.41
CA GLY A 128 15.82 24.12 -33.01
C GLY A 128 16.35 23.90 -31.61
N LEU A 129 16.37 22.66 -31.14
CA LEU A 129 16.77 22.34 -29.77
C LEU A 129 17.83 21.24 -29.74
N LYS A 130 18.68 21.16 -30.75
CA LYS A 130 19.75 20.17 -30.74
C LYS A 130 20.63 20.38 -29.50
N GLY A 131 21.05 19.27 -28.90
CA GLY A 131 21.88 19.32 -27.72
C GLY A 131 21.18 19.71 -26.44
N LEU A 132 19.88 19.97 -26.47
CA LEU A 132 19.12 20.30 -25.27
C LEU A 132 18.25 19.15 -24.79
N GLY A 133 18.48 17.94 -25.32
CA GLY A 133 17.64 16.82 -24.96
C GLY A 133 17.69 16.46 -23.48
N GLY A 134 18.81 16.76 -22.82
CA GLY A 134 18.94 16.43 -21.42
C GLY A 134 18.31 17.41 -20.46
N ARG A 135 17.82 18.54 -20.96
CA ARG A 135 17.30 19.58 -20.08
C ARG A 135 16.04 19.11 -19.35
N ARG A 136 15.92 19.52 -18.10
CA ARG A 136 14.67 19.38 -17.37
C ARG A 136 13.84 20.65 -17.60
N VAL A 137 12.54 20.53 -17.34
CA VAL A 137 11.61 21.62 -17.63
C VAL A 137 12.06 22.91 -16.98
N ALA A 138 12.66 22.83 -15.79
CA ALA A 138 13.11 24.03 -15.10
C ALA A 138 14.25 24.73 -15.85
N GLN A 139 15.06 23.98 -16.59
CA GLN A 139 16.17 24.55 -17.33
C GLN A 139 15.81 24.94 -18.77
N LEU A 140 14.52 25.09 -19.07
CA LEU A 140 14.06 25.46 -20.40
C LEU A 140 13.31 26.78 -20.34
N SER A 141 13.40 27.55 -21.41
CA SER A 141 12.70 28.83 -21.47
C SER A 141 11.28 28.63 -21.96
N GLY A 142 10.47 29.69 -21.83
CA GLY A 142 9.08 29.61 -22.22
C GLY A 142 8.89 29.13 -23.65
N GLY A 143 9.70 29.64 -24.58
CA GLY A 143 9.64 29.19 -25.95
C GLY A 143 10.29 27.83 -26.18
N GLN A 144 11.34 27.51 -25.42
CA GLN A 144 11.95 26.19 -25.55
C GLN A 144 10.97 25.10 -25.11
N ARG A 145 10.29 25.32 -23.98
CA ARG A 145 9.23 24.41 -23.57
C ARG A 145 8.19 24.22 -24.65
N GLN A 146 7.77 25.32 -25.27
CA GLN A 146 6.72 25.25 -26.29
C GLN A 146 7.12 24.32 -27.43
N ARG A 147 8.40 24.34 -27.81
CA ARG A 147 8.81 23.52 -28.94
C ARG A 147 9.05 22.07 -28.53
N VAL A 148 9.42 21.81 -27.28
CA VAL A 148 9.34 20.45 -26.76
C VAL A 148 7.91 19.95 -26.85
N ASN A 149 6.96 20.79 -26.44
CA ASN A 149 5.54 20.48 -26.65
C ASN A 149 5.29 20.13 -28.11
N ILE A 150 5.77 20.97 -29.02
CA ILE A 150 5.54 20.77 -30.46
C ILE A 150 6.15 19.45 -30.92
N ALA A 151 7.44 19.25 -30.63
CA ALA A 151 8.13 18.03 -31.07
C ALA A 151 7.39 16.78 -30.57
N ARG A 152 6.85 16.83 -29.35
CA ARG A 152 6.14 15.67 -28.81
C ARG A 152 4.94 15.30 -29.67
N ALA A 153 4.29 16.29 -30.29
CA ALA A 153 3.11 16.00 -31.09
C ALA A 153 3.45 15.25 -32.38
N LEU A 154 4.65 15.45 -32.92
CA LEU A 154 5.06 14.80 -34.15
C LEU A 154 5.69 13.43 -33.92
N MET A 155 5.74 12.98 -32.66
CA MET A 155 6.49 11.78 -32.32
C MET A 155 5.80 10.50 -32.78
N GLY A 156 4.47 10.50 -32.85
CA GLY A 156 3.73 9.32 -33.22
C GLY A 156 3.52 9.22 -34.72
N ASN A 157 2.40 8.60 -35.11
CA ASN A 157 1.93 8.61 -36.49
C ASN A 157 0.44 8.94 -36.49
N PRO A 158 0.08 10.14 -36.06
CA PRO A 158 -1.33 10.52 -36.08
C PRO A 158 -1.79 10.84 -37.49
N GLN A 159 -3.10 10.87 -37.67
CA GLN A 159 -3.67 11.41 -38.89
C GLN A 159 -4.29 12.78 -38.68
N LEU A 160 -4.42 13.22 -37.43
CA LEU A 160 -4.98 14.51 -37.07
C LEU A 160 -4.01 15.23 -36.15
N LEU A 161 -3.62 16.45 -36.53
CA LEU A 161 -2.69 17.26 -35.76
C LEU A 161 -3.40 18.52 -35.29
N LEU A 162 -3.42 18.76 -33.98
CA LEU A 162 -4.11 19.90 -33.40
C LEU A 162 -3.09 20.77 -32.67
N ALA A 163 -2.78 21.93 -33.25
CA ALA A 163 -1.79 22.84 -32.72
C ALA A 163 -2.47 24.11 -32.24
N ASP A 164 -2.25 24.47 -30.98
CA ASP A 164 -2.98 25.54 -30.30
C ASP A 164 -2.01 26.68 -30.01
N GLU A 165 -1.97 27.65 -30.91
CA GLU A 165 -1.07 28.80 -30.81
C GLU A 165 0.38 28.34 -30.57
N PRO A 166 0.93 27.48 -31.44
CA PRO A 166 2.22 26.85 -31.14
C PRO A 166 3.42 27.79 -31.24
N THR A 167 3.21 29.06 -31.61
CA THR A 167 4.30 30.01 -31.78
C THR A 167 4.20 31.18 -30.82
N SER A 168 3.26 31.14 -29.87
CA SER A 168 3.01 32.27 -28.97
C SER A 168 4.29 32.77 -28.32
N ALA A 169 5.16 31.84 -27.90
CA ALA A 169 6.37 32.17 -27.17
C ALA A 169 7.60 32.21 -28.06
N LEU A 170 7.43 32.40 -29.36
CA LEU A 170 8.52 32.33 -30.32
C LEU A 170 8.74 33.67 -30.99
N ASP A 171 10.01 34.00 -31.20
CA ASP A 171 10.41 35.16 -31.97
C ASP A 171 10.00 34.97 -33.43
N ALA A 172 10.02 36.09 -34.17
CA ALA A 172 9.53 36.09 -35.55
C ALA A 172 10.21 35.02 -36.39
N ARG A 173 11.51 34.85 -36.21
CA ARG A 173 12.26 33.94 -37.09
C ARG A 173 11.91 32.48 -36.80
N LEU A 174 11.86 32.10 -35.51
CA LEU A 174 11.59 30.71 -35.16
C LEU A 174 10.13 30.34 -35.37
N SER A 175 9.22 31.27 -35.09
CA SER A 175 7.80 30.97 -35.27
C SER A 175 7.51 30.63 -36.73
N LYS A 176 8.18 31.33 -37.65
CA LYS A 176 7.99 30.99 -39.06
C LYS A 176 8.53 29.60 -39.36
N GLU A 177 9.67 29.21 -38.77
CA GLU A 177 10.17 27.87 -39.05
C GLU A 177 9.25 26.79 -38.48
N ILE A 178 8.57 27.08 -37.37
CA ILE A 178 7.68 26.10 -36.77
C ILE A 178 6.46 25.86 -37.66
N VAL A 179 5.93 26.91 -38.27
CA VAL A 179 4.75 26.71 -39.10
C VAL A 179 5.14 26.16 -40.49
N GLU A 180 6.36 26.45 -40.96
CA GLU A 180 6.86 25.68 -42.09
C GLU A 180 7.00 24.20 -41.73
N LEU A 181 7.54 23.93 -40.53
CA LEU A 181 7.62 22.55 -40.07
C LEU A 181 6.24 21.90 -40.05
N LEU A 182 5.25 22.61 -39.51
CA LEU A 182 3.92 22.02 -39.34
C LEU A 182 3.27 21.73 -40.68
N ARG A 183 3.34 22.65 -41.64
CA ARG A 183 2.72 22.37 -42.92
C ARG A 183 3.48 21.29 -43.68
N ASP A 184 4.81 21.29 -43.58
CA ASP A 184 5.59 20.29 -44.30
C ASP A 184 5.18 18.88 -43.89
N VAL A 185 5.12 18.61 -42.58
CA VAL A 185 4.65 17.29 -42.15
C VAL A 185 3.19 17.08 -42.55
N THR A 186 2.37 18.14 -42.52
CA THR A 186 0.99 18.02 -42.99
C THR A 186 0.96 17.50 -44.43
N LYS A 187 1.79 18.09 -45.29
CA LYS A 187 1.79 17.72 -46.71
C LYS A 187 2.40 16.35 -46.94
N GLU A 188 3.50 16.04 -46.23
CA GLU A 188 4.24 14.82 -46.49
C GLU A 188 3.45 13.59 -46.06
N PHE A 189 2.69 13.69 -44.98
CA PHE A 189 2.00 12.54 -44.40
C PHE A 189 0.50 12.60 -44.55
N ALA A 190 -0.01 13.49 -45.41
CA ALA A 190 -1.44 13.62 -45.67
C ALA A 190 -2.22 13.81 -44.37
N LEU A 191 -1.74 14.74 -43.56
CA LEU A 191 -2.34 15.00 -42.25
C LEU A 191 -3.52 15.95 -42.38
N ALA A 192 -4.45 15.82 -41.45
CA ALA A 192 -5.46 16.84 -41.19
C ALA A 192 -4.97 17.63 -39.99
N THR A 193 -4.63 18.90 -40.20
CA THR A 193 -4.09 19.74 -39.16
C THR A 193 -4.97 20.97 -38.98
N LEU A 194 -5.38 21.24 -37.74
CA LEU A 194 -5.92 22.53 -37.37
C LEU A 194 -4.95 23.24 -36.45
N MET A 195 -4.77 24.52 -36.69
CA MET A 195 -3.73 25.30 -36.03
C MET A 195 -4.32 26.66 -35.66
N VAL A 196 -4.48 26.89 -34.38
CA VAL A 196 -4.91 28.18 -33.87
C VAL A 196 -3.71 29.12 -33.84
N THR A 197 -3.91 30.36 -34.28
CA THR A 197 -2.84 31.33 -34.20
C THR A 197 -3.40 32.74 -34.15
N HIS A 198 -2.69 33.62 -33.44
CA HIS A 198 -2.96 35.04 -33.42
C HIS A 198 -2.09 35.80 -34.41
N ASP A 199 -1.11 35.14 -35.01
CA ASP A 199 -0.19 35.76 -35.96
C ASP A 199 -0.79 35.55 -37.34
N ARG A 200 -1.58 36.52 -37.80
CA ARG A 200 -2.35 36.32 -39.02
C ARG A 200 -1.47 36.25 -40.27
N SER A 201 -0.23 36.75 -40.20
CA SER A 201 0.70 36.53 -41.30
C SER A 201 0.84 35.06 -41.64
N GLN A 202 0.66 34.18 -40.65
CA GLN A 202 0.87 32.76 -40.87
C GLN A 202 -0.21 32.12 -41.75
N LEU A 203 -1.30 32.84 -42.03
CA LEU A 203 -2.35 32.29 -42.89
C LEU A 203 -1.82 31.91 -44.28
N ALA A 204 -0.71 32.50 -44.71
CA ALA A 204 -0.12 32.17 -46.00
C ALA A 204 0.23 30.68 -46.11
N TYR A 205 0.53 30.03 -45.00
CA TYR A 205 0.86 28.61 -45.02
C TYR A 205 -0.35 27.71 -44.86
N ALA A 206 -1.54 28.29 -44.67
CA ALA A 206 -2.76 27.54 -44.49
C ALA A 206 -3.54 27.49 -45.80
N ASP A 207 -4.16 26.34 -46.07
CA ASP A 207 -4.99 26.25 -47.26
C ASP A 207 -6.32 26.99 -47.05
N ARG A 208 -6.94 26.80 -45.88
CA ARG A 208 -8.12 27.58 -45.51
C ARG A 208 -7.96 28.04 -44.08
N PHE A 209 -8.90 28.87 -43.65
CA PHE A 209 -8.94 29.28 -42.26
C PHE A 209 -10.37 29.55 -41.83
N VAL A 210 -10.63 29.29 -40.56
CA VAL A 210 -11.90 29.55 -39.90
C VAL A 210 -11.69 30.69 -38.93
N GLU A 211 -12.41 31.79 -39.10
CA GLU A 211 -12.36 32.85 -38.12
C GLU A 211 -13.57 32.73 -37.19
N MET A 212 -13.38 33.08 -35.92
CA MET A 212 -14.40 32.83 -34.92
C MET A 212 -14.55 34.00 -33.95
N ALA A 213 -15.80 34.18 -33.50
CA ALA A 213 -16.18 35.26 -32.60
C ALA A 213 -17.40 34.78 -31.82
N ASP A 214 -17.32 34.87 -30.49
CA ASP A 214 -18.41 34.49 -29.60
C ASP A 214 -18.86 33.05 -29.84
N GLY A 215 -17.90 32.16 -30.04
CA GLY A 215 -18.17 30.74 -30.15
C GLY A 215 -18.66 30.25 -31.50
N LYS A 216 -18.96 31.15 -32.43
CA LYS A 216 -19.46 30.78 -33.73
C LYS A 216 -18.38 30.92 -34.79
N ALA A 217 -18.44 30.05 -35.80
CA ALA A 217 -17.65 30.24 -37.00
C ALA A 217 -18.35 31.25 -37.91
N LEU A 218 -17.57 32.06 -38.60
CA LEU A 218 -18.11 33.11 -39.45
C LEU A 218 -17.94 32.77 -40.92
N GLN A 219 -18.61 33.56 -41.75
CA GLN A 219 -18.72 33.27 -43.18
C GLN A 219 -17.40 33.58 -43.89
N THR A 220 -16.80 32.55 -44.47
CA THR A 220 -15.62 32.69 -45.32
C THR A 220 -15.54 31.58 -46.35
N MET B 1 4.87 2.45 -16.67
CA MET B 1 5.87 2.44 -15.61
C MET B 1 7.01 3.41 -15.92
N PHE B 2 6.99 3.97 -17.12
CA PHE B 2 8.07 4.85 -17.57
C PHE B 2 8.20 6.09 -16.69
N LEU B 3 7.13 6.89 -16.62
CA LEU B 3 7.16 8.08 -15.78
C LEU B 3 7.28 7.70 -14.31
N GLY B 4 6.57 6.65 -13.89
CA GLY B 4 6.50 6.34 -12.47
C GLY B 4 7.86 6.16 -11.83
N ILE B 5 8.75 5.40 -12.47
CA ILE B 5 10.03 5.14 -11.83
C ILE B 5 10.97 6.33 -11.87
N ARG B 6 10.78 7.29 -12.77
CA ARG B 6 11.70 8.43 -12.70
C ARG B 6 11.18 9.58 -11.84
N ASP B 7 9.87 9.62 -11.57
CA ASP B 7 9.43 10.52 -10.51
C ASP B 7 10.25 10.29 -9.26
N ILE B 8 10.65 9.04 -9.01
CA ILE B 8 11.47 8.74 -7.85
C ILE B 8 12.89 9.27 -8.04
N ARG B 9 13.47 9.10 -9.23
CA ARG B 9 14.80 9.64 -9.46
C ARG B 9 14.84 11.14 -9.19
N ALA B 10 13.75 11.87 -9.46
CA ALA B 10 13.77 13.31 -9.58
C ALA B 10 13.45 14.02 -8.26
N ALA B 11 13.01 13.28 -7.27
CA ALA B 11 12.74 13.86 -5.96
C ALA B 11 12.86 12.76 -4.90
N ALA B 12 14.06 12.21 -4.74
CA ALA B 12 14.27 11.15 -3.76
C ALA B 12 14.01 11.63 -2.35
N GLY B 13 14.17 12.93 -2.10
CA GLY B 13 13.88 13.48 -0.79
C GLY B 13 12.43 13.25 -0.38
N ARG B 14 11.49 13.59 -1.27
CA ARG B 14 10.09 13.43 -0.91
C ARG B 14 9.66 11.96 -0.91
N PHE B 15 10.35 11.10 -1.65
CA PHE B 15 10.01 9.69 -1.59
C PHE B 15 10.58 9.00 -0.35
N ALA B 16 11.74 9.46 0.13
CA ALA B 16 12.19 9.03 1.46
C ALA B 16 11.19 9.46 2.52
N LEU B 17 10.74 10.72 2.45
CA LEU B 17 9.75 11.24 3.40
C LEU B 17 8.50 10.36 3.43
N ILE B 18 8.04 9.91 2.26
CA ILE B 18 6.81 9.13 2.22
C ILE B 18 7.05 7.69 2.68
N ALA B 19 8.21 7.12 2.34
CA ALA B 19 8.53 5.78 2.82
C ALA B 19 8.66 5.75 4.34
N SER B 20 9.21 6.83 4.91
CA SER B 20 9.27 6.95 6.37
C SER B 20 7.88 6.79 6.99
N VAL B 21 6.89 7.49 6.43
CA VAL B 21 5.55 7.45 6.98
C VAL B 21 4.99 6.03 6.97
N VAL B 22 5.28 5.28 5.90
CA VAL B 22 4.84 3.90 5.82
C VAL B 22 5.62 3.04 6.82
N GLY B 23 6.94 3.20 6.84
CA GLY B 23 7.75 2.45 7.80
C GLY B 23 7.38 2.75 9.24
N LEU B 24 7.16 4.03 9.54
CA LEU B 24 6.73 4.40 10.88
C LEU B 24 5.44 3.69 11.27
N ILE B 25 4.49 3.56 10.33
CA ILE B 25 3.24 2.90 10.67
C ILE B 25 3.44 1.40 10.77
N THR B 26 4.19 0.81 9.84
CA THR B 26 4.53 -0.61 9.97
C THR B 26 5.23 -0.86 11.29
N LEU B 27 6.17 0.00 11.66
CA LEU B 27 6.85 -0.16 12.95
C LEU B 27 5.86 -0.07 14.11
N LEU B 28 4.94 0.89 14.06
CA LEU B 28 3.94 0.99 15.12
C LEU B 28 3.20 -0.33 15.31
N ILE B 29 2.82 -0.96 14.20
CA ILE B 29 2.08 -2.22 14.27
C ILE B 29 2.96 -3.31 14.86
N VAL B 30 4.19 -3.45 14.36
CA VAL B 30 5.02 -4.58 14.75
C VAL B 30 5.40 -4.51 16.22
N MET B 31 5.62 -3.32 16.76
CA MET B 31 5.95 -3.24 18.19
C MET B 31 4.70 -3.36 19.05
N LEU B 32 3.62 -2.67 18.69
CA LEU B 32 2.39 -2.81 19.47
C LEU B 32 1.86 -4.25 19.41
N THR B 33 1.99 -4.89 18.25
CA THR B 33 1.62 -6.31 18.17
C THR B 33 2.48 -7.14 19.10
N GLY B 34 3.81 -6.99 19.00
CA GLY B 34 4.70 -7.78 19.83
C GLY B 34 4.65 -7.43 21.29
N LEU B 35 4.27 -6.20 21.62
CA LEU B 35 4.11 -5.84 23.02
C LEU B 35 2.85 -6.46 23.62
N THR B 36 1.77 -6.57 22.85
CA THR B 36 0.57 -7.20 23.39
C THR B 36 0.63 -8.72 23.31
N GLN B 37 1.26 -9.28 22.27
CA GLN B 37 1.51 -10.73 22.29
C GLN B 37 2.37 -11.09 23.50
N GLY B 38 3.24 -10.17 23.94
CA GLY B 38 3.96 -10.40 25.18
C GLY B 38 3.04 -10.42 26.39
N LEU B 39 2.10 -9.47 26.46
CA LEU B 39 1.15 -9.48 27.57
C LEU B 39 0.30 -10.74 27.57
N GLY B 40 0.08 -11.34 26.40
CA GLY B 40 -0.71 -12.56 26.35
C GLY B 40 0.03 -13.74 26.97
N LYS B 41 1.35 -13.80 26.78
CA LYS B 41 2.14 -14.91 27.29
C LYS B 41 2.40 -14.82 28.78
N GLN B 42 1.99 -13.73 29.44
CA GLN B 42 1.99 -13.68 30.89
C GLN B 42 1.04 -14.70 31.49
N ASN B 43 0.07 -15.18 30.71
CA ASN B 43 -0.84 -16.23 31.15
C ASN B 43 -0.51 -17.59 30.57
N THR B 44 0.20 -17.65 29.45
CA THR B 44 0.28 -18.86 28.66
C THR B 44 1.69 -19.38 28.41
N SER B 45 2.75 -18.62 28.70
CA SER B 45 4.06 -19.06 28.24
C SER B 45 4.50 -20.37 28.87
N ALA B 46 4.06 -20.66 30.10
CA ALA B 46 4.47 -21.89 30.76
C ALA B 46 3.96 -23.12 30.02
N ILE B 47 2.65 -23.16 29.73
CA ILE B 47 2.11 -24.36 29.10
C ILE B 47 2.62 -24.50 27.67
N GLU B 48 2.70 -23.40 26.91
CA GLU B 48 3.30 -23.51 25.58
C GLU B 48 4.72 -24.06 25.65
N ALA B 49 5.52 -23.53 26.58
CA ALA B 49 6.89 -24.01 26.76
C ALA B 49 6.92 -25.54 26.89
N LEU B 50 5.99 -26.11 27.65
CA LEU B 50 5.94 -27.57 27.77
C LEU B 50 5.59 -28.26 26.47
N ALA B 51 5.12 -27.52 25.47
CA ALA B 51 4.85 -28.03 24.13
C ALA B 51 4.07 -29.34 24.11
N PRO B 52 2.84 -29.36 24.61
CA PRO B 52 1.99 -30.54 24.44
C PRO B 52 1.21 -30.46 23.14
N HIS B 53 0.90 -31.64 22.60
CA HIS B 53 0.07 -31.70 21.41
C HIS B 53 -1.41 -31.61 21.79
N SER B 54 -1.91 -32.60 22.53
CA SER B 54 -3.21 -32.55 23.16
C SER B 54 -3.03 -32.51 24.68
N VAL B 55 -4.09 -32.09 25.37
CA VAL B 55 -4.06 -32.03 26.83
C VAL B 55 -5.44 -32.42 27.35
N VAL B 56 -5.48 -33.40 28.24
CA VAL B 56 -6.74 -33.95 28.73
C VAL B 56 -7.17 -33.20 29.97
N PHE B 57 -8.44 -32.86 30.05
CA PHE B 57 -9.01 -32.19 31.20
C PHE B 57 -9.97 -33.14 31.92
N THR B 58 -10.62 -32.62 32.95
CA THR B 58 -11.69 -33.34 33.64
C THR B 58 -12.80 -32.35 33.94
N THR B 59 -14.03 -32.74 33.62
CA THR B 59 -15.21 -31.93 33.84
C THR B 59 -16.27 -32.77 34.53
N ALA B 60 -17.41 -32.14 34.81
CA ALA B 60 -18.62 -32.82 35.23
C ALA B 60 -19.79 -32.20 34.50
N GLY B 61 -20.69 -33.04 34.00
CA GLY B 61 -21.81 -32.52 33.23
C GLY B 61 -21.42 -31.87 31.92
N GLY B 62 -20.37 -32.39 31.26
CA GLY B 62 -19.96 -31.88 29.97
C GLY B 62 -19.65 -30.40 29.94
N SER B 63 -19.18 -29.84 31.05
CA SER B 63 -18.93 -28.41 31.13
C SER B 63 -17.68 -28.04 30.33
N SER B 64 -17.43 -26.73 30.25
CA SER B 64 -16.17 -26.27 29.71
C SER B 64 -15.03 -26.66 30.66
N PRO B 65 -13.92 -27.18 30.13
CA PRO B 65 -12.79 -27.49 30.99
C PRO B 65 -12.23 -26.23 31.64
N GLU B 66 -11.79 -26.38 32.89
CA GLU B 66 -11.22 -25.28 33.64
C GLU B 66 -9.99 -25.78 34.38
N PHE B 67 -8.90 -25.01 34.32
CA PHE B 67 -7.70 -25.40 35.06
C PHE B 67 -7.95 -25.39 36.56
N THR B 68 -8.91 -24.59 37.03
CA THR B 68 -9.19 -24.49 38.44
C THR B 68 -10.02 -25.65 38.99
N SER B 69 -10.58 -26.50 38.12
CA SER B 69 -11.52 -27.52 38.57
C SER B 69 -11.23 -28.91 38.00
N SER B 70 -10.11 -29.08 37.30
CA SER B 70 -9.72 -30.37 36.75
C SER B 70 -8.75 -31.06 37.70
N GLU B 71 -8.90 -32.37 37.86
CA GLU B 71 -7.92 -33.18 38.57
C GLU B 71 -7.77 -34.53 37.88
N ILE B 72 -6.53 -35.02 37.85
CA ILE B 72 -6.22 -36.32 37.27
C ILE B 72 -5.99 -37.28 38.42
N SER B 73 -6.88 -38.26 38.56
CA SER B 73 -6.69 -39.30 39.56
C SER B 73 -5.57 -40.24 39.13
N GLU B 74 -5.02 -40.95 40.11
CA GLU B 74 -3.85 -41.78 39.85
C GLU B 74 -4.16 -42.91 38.89
N GLN B 75 -5.39 -43.45 38.94
CA GLN B 75 -5.79 -44.45 37.96
C GLN B 75 -5.92 -43.84 36.56
N GLN B 76 -6.48 -42.62 36.48
CA GLN B 76 -6.50 -41.88 35.22
C GLN B 76 -5.11 -41.80 34.59
N ALA B 77 -4.08 -41.64 35.43
CA ALA B 77 -2.72 -41.48 34.91
C ALA B 77 -2.19 -42.76 34.30
N GLU B 78 -2.47 -43.91 34.92
CA GLU B 78 -1.95 -45.18 34.42
C GLU B 78 -2.62 -45.59 33.11
N ARG B 79 -3.83 -45.10 32.88
CA ARG B 79 -4.58 -45.41 31.67
C ARG B 79 -3.87 -44.89 30.43
N TRP B 80 -3.89 -43.56 30.24
CA TRP B 80 -3.26 -42.94 29.08
C TRP B 80 -1.76 -43.17 29.14
N LYS B 81 -1.24 -44.05 28.28
CA LYS B 81 0.20 -44.15 28.15
C LYS B 81 0.73 -42.99 27.29
N ASP B 82 2.06 -42.82 27.33
CA ASP B 82 2.77 -41.71 26.68
C ASP B 82 2.37 -40.36 27.24
N SER B 83 1.80 -40.33 28.45
CA SER B 83 1.26 -39.12 29.04
C SER B 83 2.05 -38.75 30.29
N THR B 84 2.11 -37.45 30.56
CA THR B 84 2.74 -36.92 31.75
C THR B 84 1.73 -36.09 32.52
N PRO B 85 1.56 -36.31 33.82
CA PRO B 85 0.58 -35.53 34.59
C PRO B 85 1.16 -34.21 35.05
N LEU B 86 0.43 -33.13 34.79
CA LEU B 86 0.84 -31.79 35.15
C LEU B 86 -0.12 -31.22 36.18
N GLY B 87 0.43 -30.75 37.31
CA GLY B 87 -0.35 -30.08 38.33
C GLY B 87 -0.19 -28.58 38.21
N VAL B 88 -1.30 -27.86 38.25
CA VAL B 88 -1.31 -26.41 38.19
C VAL B 88 -2.04 -25.89 39.42
N SER B 89 -1.36 -25.08 40.22
CA SER B 89 -1.95 -24.43 41.38
C SER B 89 -1.40 -23.02 41.48
N GLN B 90 -2.20 -22.15 42.11
CA GLN B 90 -1.75 -20.86 42.58
C GLN B 90 -1.77 -20.89 44.11
N THR B 91 -0.64 -20.56 44.73
CA THR B 91 -0.61 -20.59 46.18
C THR B 91 0.34 -19.54 46.72
N ARG B 92 0.32 -19.41 48.04
CA ARG B 92 1.17 -18.47 48.73
C ARG B 92 2.57 -19.06 48.93
N ILE B 93 3.58 -18.31 48.51
CA ILE B 93 4.96 -18.66 48.78
C ILE B 93 5.49 -17.67 49.80
N GLU B 94 6.20 -18.18 50.80
CA GLU B 94 6.55 -17.36 51.95
C GLU B 94 7.96 -17.70 52.38
N SER B 95 8.81 -16.68 52.42
CA SER B 95 10.15 -16.80 52.96
C SER B 95 10.23 -16.03 54.27
N ASP B 96 11.41 -16.11 54.91
CA ASP B 96 11.60 -15.42 56.19
C ASP B 96 11.37 -13.93 56.05
N GLN B 97 11.75 -13.36 54.91
CA GLN B 97 11.81 -11.92 54.74
C GLN B 97 10.70 -11.36 53.85
N ASN B 98 9.93 -12.18 53.17
CA ASN B 98 8.92 -11.67 52.25
C ASN B 98 7.98 -12.81 51.85
N ALA B 99 6.98 -12.48 51.04
CA ALA B 99 5.99 -13.46 50.60
C ALA B 99 5.38 -13.01 49.28
N ASN B 100 4.56 -13.89 48.72
CA ASN B 100 3.85 -13.63 47.48
C ASN B 100 2.90 -14.79 47.23
N THR B 101 1.98 -14.59 46.29
CA THR B 101 1.24 -15.67 45.67
C THR B 101 1.86 -15.95 44.30
N THR B 102 2.00 -17.22 43.95
CA THR B 102 2.68 -17.57 42.71
C THR B 102 2.11 -18.88 42.19
N ALA B 103 2.35 -19.13 40.90
CA ALA B 103 1.90 -20.36 40.26
C ALA B 103 2.90 -21.48 40.52
N VAL B 104 2.38 -22.65 40.85
CA VAL B 104 3.19 -23.84 41.12
C VAL B 104 2.77 -24.92 40.15
N MET B 105 3.71 -25.37 39.33
CA MET B 105 3.45 -26.47 38.41
C MET B 105 4.19 -27.71 38.86
N GLY B 106 3.54 -28.85 38.74
CA GLY B 106 4.08 -30.10 39.25
C GLY B 106 4.20 -31.19 38.21
N LEU B 107 5.35 -31.82 38.14
CA LEU B 107 5.65 -32.87 37.18
C LEU B 107 6.34 -34.02 37.88
N PRO B 108 6.33 -35.22 37.29
CA PRO B 108 7.02 -36.35 37.93
C PRO B 108 8.52 -36.12 37.94
N GLU B 109 9.16 -36.57 39.02
CA GLU B 109 10.58 -36.34 39.22
C GLU B 109 11.38 -36.79 37.99
N GLY B 110 12.40 -36.00 37.66
CA GLY B 110 13.26 -36.30 36.54
C GLY B 110 12.75 -35.86 35.18
N THR B 111 11.52 -35.37 35.10
CA THR B 111 10.99 -34.88 33.84
C THR B 111 11.89 -33.76 33.30
N PRO B 112 12.42 -33.88 32.09
CA PRO B 112 13.16 -32.75 31.52
C PRO B 112 12.23 -31.57 31.33
N LEU B 113 12.70 -30.41 31.76
CA LEU B 113 11.94 -29.18 31.61
C LEU B 113 12.18 -28.59 30.22
N PRO B 114 11.23 -27.82 29.69
CA PRO B 114 11.47 -27.14 28.42
C PRO B 114 12.68 -26.24 28.53
N ASP B 115 13.46 -26.17 27.46
CA ASP B 115 14.71 -25.42 27.49
C ASP B 115 14.50 -23.95 27.83
N SER B 116 13.30 -23.43 27.59
CA SER B 116 12.91 -22.12 28.08
C SER B 116 13.13 -22.00 29.59
N VAL B 117 13.18 -23.13 30.30
CA VAL B 117 13.37 -23.20 31.74
C VAL B 117 14.56 -24.12 31.99
N GLY B 118 15.33 -23.82 33.04
CA GLY B 118 16.51 -24.58 33.46
C GLY B 118 16.70 -26.01 33.00
N GLY B 119 16.57 -26.98 33.92
CA GLY B 119 17.09 -28.30 33.67
C GLY B 119 16.14 -29.48 33.79
N PHE B 120 16.03 -30.04 34.98
CA PHE B 120 15.17 -31.19 35.23
C PHE B 120 14.39 -30.98 36.51
N ILE B 121 13.26 -31.68 36.60
CA ILE B 121 12.46 -31.67 37.83
C ILE B 121 13.21 -32.44 38.91
N GLU B 122 13.52 -31.75 40.01
CA GLU B 122 14.11 -32.38 41.18
C GLU B 122 13.10 -32.39 42.32
N GLN B 123 13.40 -33.17 43.35
CA GLN B 123 12.59 -33.13 44.56
C GLN B 123 12.73 -31.76 45.21
N GLY B 124 11.61 -31.19 45.63
CA GLY B 124 11.65 -29.84 46.16
C GLY B 124 11.09 -28.84 45.18
N ALA B 125 11.54 -27.59 45.26
CA ALA B 125 10.99 -26.51 44.45
C ALA B 125 12.10 -25.81 43.68
N LEU B 126 11.85 -25.56 42.40
CA LEU B 126 12.75 -24.77 41.58
C LEU B 126 12.13 -23.40 41.36
N LEU B 127 12.80 -22.39 41.83
CA LEU B 127 12.23 -21.06 41.76
C LEU B 127 12.79 -20.29 40.58
N PRO B 128 11.98 -19.46 39.92
CA PRO B 128 12.55 -18.49 38.98
C PRO B 128 13.52 -17.57 39.72
N ALA B 129 14.58 -17.17 39.02
CA ALA B 129 15.59 -16.32 39.65
C ALA B 129 14.97 -15.06 40.23
N GLU B 130 14.05 -14.44 39.49
CA GLU B 130 13.45 -13.20 39.98
C GLU B 130 12.60 -13.43 41.22
N LEU B 131 11.88 -14.55 41.30
CA LEU B 131 11.15 -14.85 42.52
C LEU B 131 12.10 -15.13 43.68
N ALA B 132 13.20 -15.85 43.41
CA ALA B 132 14.18 -16.12 44.45
C ALA B 132 14.79 -14.83 45.00
N ASP B 133 15.12 -13.89 44.11
CA ASP B 133 15.66 -12.62 44.57
C ASP B 133 14.62 -11.83 45.36
N PHE B 134 13.37 -11.81 44.87
CA PHE B 134 12.28 -11.16 45.60
C PHE B 134 12.17 -11.71 47.02
N LEU B 135 12.20 -13.03 47.17
CA LEU B 135 12.11 -13.65 48.48
C LEU B 135 13.43 -13.64 49.24
N HIS B 136 14.52 -13.24 48.60
CA HIS B 136 15.87 -13.31 49.17
C HIS B 136 16.16 -14.72 49.68
N VAL B 137 16.12 -15.69 48.76
CA VAL B 137 16.47 -17.07 49.05
C VAL B 137 17.34 -17.62 47.92
N ARG B 138 18.10 -18.66 48.25
CA ARG B 138 18.97 -19.35 47.29
C ARG B 138 18.69 -20.85 47.38
N ALA B 139 19.36 -21.61 46.51
CA ALA B 139 19.30 -23.06 46.61
C ALA B 139 19.80 -23.50 47.98
N GLY B 140 18.99 -24.32 48.66
CA GLY B 140 19.29 -24.78 50.00
C GLY B 140 18.35 -24.26 51.07
N ASP B 141 17.78 -23.06 50.86
CA ASP B 141 16.91 -22.49 51.87
C ASP B 141 15.60 -23.26 51.96
N HIS B 142 14.84 -22.93 53.01
CA HIS B 142 13.47 -23.41 53.17
C HIS B 142 12.51 -22.26 52.90
N ILE B 143 11.38 -22.59 52.29
CA ILE B 143 10.27 -21.66 52.10
C ILE B 143 9.00 -22.38 52.54
N THR B 144 7.98 -21.60 52.86
CA THR B 144 6.65 -22.14 53.01
C THR B 144 5.92 -22.00 51.69
N LEU B 145 5.48 -23.11 51.13
CA LEU B 145 4.73 -23.14 49.87
C LEU B 145 3.39 -23.81 50.16
N GLY B 146 2.31 -23.04 50.08
CA GLY B 146 1.01 -23.58 50.41
C GLY B 146 0.89 -24.09 51.83
N GLY B 147 1.54 -23.41 52.77
CA GLY B 147 1.54 -23.84 54.15
C GLY B 147 2.48 -24.98 54.48
N ALA B 148 3.24 -25.48 53.52
CA ALA B 148 4.12 -26.61 53.70
C ALA B 148 5.58 -26.18 53.54
N THR B 149 6.46 -26.77 54.35
CA THR B 149 7.89 -26.46 54.23
C THR B 149 8.48 -27.23 53.06
N VAL B 150 9.10 -26.51 52.14
CA VAL B 150 9.70 -27.07 50.94
C VAL B 150 11.11 -26.53 50.81
N THR B 151 12.02 -27.37 50.30
CA THR B 151 13.42 -27.00 50.13
C THR B 151 13.63 -26.46 48.72
N VAL B 152 14.28 -25.30 48.61
CA VAL B 152 14.61 -24.73 47.31
C VAL B 152 15.72 -25.57 46.68
N ALA B 153 15.38 -26.31 45.62
CA ALA B 153 16.34 -27.20 44.99
C ALA B 153 17.31 -26.45 44.08
N GLY B 154 16.90 -25.29 43.57
CA GLY B 154 17.73 -24.52 42.68
C GLY B 154 16.89 -23.50 41.96
N THR B 155 17.55 -22.60 41.25
CA THR B 155 16.86 -21.59 40.48
C THR B 155 16.84 -21.94 39.00
N VAL B 156 15.88 -21.35 38.28
CA VAL B 156 15.68 -21.54 36.86
C VAL B 156 15.20 -20.23 36.25
N LYS B 157 14.94 -20.22 34.94
CA LYS B 157 14.41 -19.05 34.27
C LYS B 157 12.88 -19.02 34.39
N THR B 158 12.27 -17.95 33.87
CA THR B 158 10.87 -17.64 34.15
C THR B 158 9.99 -18.00 32.97
N GLU B 159 8.98 -18.84 33.21
CA GLU B 159 7.80 -18.94 32.38
C GLU B 159 6.58 -18.62 33.23
N ASN B 160 5.44 -18.39 32.58
CA ASN B 160 4.34 -17.72 33.24
C ASN B 160 3.02 -18.48 33.14
N TYR B 161 2.26 -18.40 34.22
CA TYR B 161 0.87 -18.85 34.29
C TYR B 161 0.12 -17.83 35.12
N SER B 162 -0.99 -17.31 34.58
CA SER B 162 -1.87 -16.38 35.29
C SER B 162 -1.09 -15.24 35.95
N HIS B 163 -0.18 -14.64 35.18
CA HIS B 163 0.62 -13.47 35.54
C HIS B 163 1.59 -13.71 36.70
N THR B 164 1.92 -14.95 37.01
CA THR B 164 2.99 -15.13 37.97
C THR B 164 4.05 -16.04 37.38
N PRO B 165 5.30 -15.89 37.79
CA PRO B 165 6.32 -16.86 37.40
C PRO B 165 6.01 -18.20 38.03
N VAL B 166 6.42 -19.26 37.36
CA VAL B 166 6.02 -20.62 37.73
C VAL B 166 7.12 -21.27 38.56
N VAL B 167 6.76 -21.79 39.72
CA VAL B 167 7.64 -22.60 40.54
C VAL B 167 7.43 -24.07 40.15
N TRP B 168 8.53 -24.77 39.91
CA TRP B 168 8.49 -26.14 39.39
C TRP B 168 8.84 -27.13 40.49
N VAL B 169 7.94 -28.08 40.76
CA VAL B 169 8.08 -29.03 41.85
C VAL B 169 7.70 -30.43 41.39
N ASP B 170 8.21 -31.44 42.10
CA ASP B 170 7.88 -32.82 41.83
C ASP B 170 6.47 -33.13 42.29
N THR B 171 5.83 -34.10 41.62
CA THR B 171 4.39 -34.33 41.82
C THR B 171 4.05 -34.54 43.29
N ALA B 172 4.87 -35.30 44.03
CA ALA B 172 4.62 -35.49 45.46
C ALA B 172 4.60 -34.15 46.19
N THR B 173 5.52 -33.24 45.85
CA THR B 173 5.51 -31.93 46.46
C THR B 173 4.28 -31.13 46.06
N TRP B 174 3.93 -31.14 44.77
CA TRP B 174 2.75 -30.43 44.32
C TRP B 174 1.50 -30.94 45.03
N GLN B 175 1.44 -32.25 45.28
CA GLN B 175 0.34 -32.81 46.06
C GLN B 175 0.31 -32.21 47.45
N LEU B 176 1.48 -32.05 48.08
CA LEU B 176 1.52 -31.54 49.44
C LEU B 176 1.07 -30.08 49.50
N VAL B 177 1.53 -29.25 48.57
CA VAL B 177 1.23 -27.82 48.69
C VAL B 177 -0.19 -27.50 48.24
N SER B 178 -0.77 -28.30 47.34
CA SER B 178 -2.13 -28.04 46.87
C SER B 178 -3.19 -28.88 47.58
N HIS B 179 -2.78 -29.70 48.56
CA HIS B 179 -3.70 -30.40 49.46
C HIS B 179 -4.64 -31.34 48.68
N THR B 180 -4.06 -32.28 47.93
CA THR B 180 -4.88 -33.17 47.13
C THR B 180 -4.19 -34.51 46.92
N LYS B 181 -5.01 -35.57 46.81
CA LYS B 181 -4.54 -36.89 46.41
C LYS B 181 -4.36 -37.00 44.90
N ALA B 182 -4.84 -36.03 44.14
CA ALA B 182 -4.69 -36.10 42.69
C ALA B 182 -3.22 -36.00 42.32
N VAL B 183 -2.86 -36.64 41.19
CA VAL B 183 -1.48 -36.61 40.72
C VAL B 183 -1.23 -35.46 39.76
N GLY B 184 -2.27 -34.72 39.40
CA GLY B 184 -2.09 -33.58 38.50
C GLY B 184 -3.41 -32.89 38.27
N THR B 185 -3.35 -31.85 37.43
CA THR B 185 -4.53 -31.11 37.00
C THR B 185 -4.95 -31.47 35.58
N VAL B 186 -3.99 -31.75 34.69
CA VAL B 186 -4.23 -32.23 33.35
C VAL B 186 -3.16 -33.27 33.02
N LEU B 187 -3.28 -33.89 31.85
CA LEU B 187 -2.25 -34.79 31.33
C LEU B 187 -1.76 -34.27 29.99
N LEU B 188 -0.46 -34.08 29.87
CA LEU B 188 0.16 -33.59 28.64
C LEU B 188 0.41 -34.74 27.68
N LEU B 189 -0.07 -34.61 26.46
CA LEU B 189 0.16 -35.58 25.40
C LEU B 189 1.12 -34.96 24.40
N ASN B 190 2.29 -35.57 24.23
CA ASN B 190 3.23 -35.03 23.26
C ASN B 190 3.05 -35.61 21.86
N GLN B 191 2.47 -36.80 21.74
CA GLN B 191 2.09 -37.33 20.44
C GLN B 191 0.59 -37.12 20.24
N GLU B 192 -0.11 -38.01 19.55
CA GLU B 192 -1.52 -37.60 19.50
C GLU B 192 -2.41 -38.70 20.13
N PRO B 193 -3.37 -38.38 21.07
CA PRO B 193 -4.28 -39.41 21.63
C PRO B 193 -4.78 -40.49 20.70
N THR B 194 -4.41 -41.70 21.09
CA THR B 194 -4.86 -42.90 20.45
C THR B 194 -6.00 -43.58 21.19
N ILE B 195 -6.31 -43.16 22.41
CA ILE B 195 -7.44 -43.68 23.17
C ILE B 195 -8.44 -42.56 23.39
N GLN B 196 -9.73 -42.94 23.49
CA GLN B 196 -10.89 -42.05 23.60
C GLN B 196 -11.22 -41.75 25.05
N PRO B 197 -11.78 -40.56 25.37
CA PRO B 197 -12.11 -40.27 26.78
C PRO B 197 -13.58 -40.40 27.15
N GLN B 198 -13.80 -40.50 28.46
CA GLN B 198 -15.09 -40.87 29.06
C GLN B 198 -16.05 -39.69 28.99
N ASP B 199 -17.17 -39.83 29.70
CA ASP B 199 -18.17 -38.78 29.70
C ASP B 199 -17.73 -37.55 30.48
N ASN B 200 -16.94 -37.71 31.54
CA ASN B 200 -16.50 -36.53 32.28
C ASN B 200 -15.09 -36.07 31.88
N GLU B 201 -14.44 -36.75 30.94
CA GLU B 201 -13.17 -36.27 30.40
C GLU B 201 -13.39 -35.51 29.09
N VAL B 202 -12.39 -34.71 28.72
CA VAL B 202 -12.45 -33.81 27.57
C VAL B 202 -11.03 -33.58 27.06
N VAL B 203 -10.76 -33.92 25.79
CA VAL B 203 -9.45 -33.67 25.20
C VAL B 203 -9.48 -32.36 24.44
N THR B 204 -8.42 -31.58 24.61
CA THR B 204 -8.31 -30.23 24.08
C THR B 204 -6.93 -30.06 23.47
N ASP B 205 -6.84 -29.32 22.36
CA ASP B 205 -5.52 -28.99 21.84
C ASP B 205 -5.03 -27.71 22.50
N LEU B 206 -3.72 -27.45 22.37
CA LEU B 206 -3.08 -26.41 23.16
C LEU B 206 -3.80 -25.06 23.03
N LYS B 207 -4.35 -24.78 21.84
CA LYS B 207 -5.11 -23.55 21.65
C LYS B 207 -6.26 -23.45 22.64
N GLY B 208 -7.12 -24.47 22.67
CA GLY B 208 -8.26 -24.46 23.57
C GLY B 208 -7.87 -24.55 25.03
N ALA B 209 -6.68 -25.07 25.34
CA ALA B 209 -6.25 -25.18 26.72
C ALA B 209 -6.21 -23.83 27.41
N PHE B 210 -6.09 -22.75 26.65
CA PHE B 210 -6.10 -21.42 27.27
C PHE B 210 -7.51 -20.99 27.63
N GLN B 211 -8.49 -21.42 26.84
CA GLN B 211 -9.88 -21.22 27.22
C GLN B 211 -10.15 -21.73 28.63
N ALA B 212 -9.34 -22.67 29.11
CA ALA B 212 -9.50 -23.23 30.45
C ALA B 212 -8.78 -22.43 31.53
N MET B 213 -8.02 -21.40 31.16
CA MET B 213 -7.37 -20.55 32.15
C MET B 213 -8.22 -19.32 32.42
N PRO B 214 -8.68 -19.10 33.65
CA PRO B 214 -9.59 -17.97 33.90
C PRO B 214 -8.97 -16.60 33.62
N ALA B 215 -7.72 -16.40 34.03
CA ALA B 215 -7.05 -15.11 33.81
C ALA B 215 -6.93 -14.79 32.33
N TYR B 216 -7.05 -15.79 31.47
CA TYR B 216 -6.85 -15.60 30.04
C TYR B 216 -8.12 -15.06 29.37
N LYS B 217 -9.25 -15.73 29.60
CA LYS B 217 -10.49 -15.30 28.95
C LYS B 217 -10.85 -13.87 29.34
N SER B 218 -10.76 -13.55 30.63
CA SER B 218 -11.14 -12.22 31.13
C SER B 218 -10.17 -11.13 30.72
N GLU B 219 -9.20 -11.41 29.86
CA GLU B 219 -8.33 -10.35 29.34
C GLU B 219 -8.10 -10.50 27.84
N ARG B 220 -8.23 -11.72 27.34
CA ARG B 220 -8.20 -11.92 25.88
C ARG B 220 -9.12 -10.92 25.18
N SER B 221 -10.22 -10.54 25.85
CA SER B 221 -11.09 -9.48 25.34
C SER B 221 -10.31 -8.17 25.14
N SER B 222 -9.51 -7.78 26.14
CA SER B 222 -8.84 -6.48 26.08
C SER B 222 -7.73 -6.46 25.03
N LEU B 223 -7.07 -7.60 24.81
CA LEU B 223 -5.96 -7.63 23.85
C LEU B 223 -6.46 -7.69 22.41
N LEU B 224 -7.53 -8.45 22.16
CA LEU B 224 -8.11 -8.46 20.82
C LEU B 224 -8.63 -7.08 20.45
N SER B 225 -9.22 -6.36 21.39
CA SER B 225 -9.69 -5.01 21.13
C SER B 225 -8.55 -4.11 20.67
N MET B 226 -7.38 -4.22 21.30
CA MET B 226 -6.24 -3.40 20.90
C MET B 226 -5.77 -3.77 19.50
N GLN B 227 -5.58 -5.07 19.25
CA GLN B 227 -5.14 -5.50 17.94
C GLN B 227 -6.19 -5.24 16.86
N ALA B 228 -7.46 -5.09 17.25
CA ALA B 228 -8.51 -4.73 16.31
C ALA B 228 -8.44 -3.25 15.93
N PHE B 229 -8.50 -2.36 16.94
CA PHE B 229 -8.43 -0.93 16.66
C PHE B 229 -7.14 -0.56 15.95
N LEU B 230 -6.04 -1.21 16.31
CA LEU B 230 -4.77 -0.85 15.70
C LEU B 230 -4.80 -1.15 14.20
N TYR B 231 -5.29 -2.33 13.81
CA TYR B 231 -5.26 -2.67 12.39
C TYR B 231 -6.33 -1.91 11.63
N ILE B 232 -7.54 -1.78 12.21
CA ILE B 232 -8.59 -1.04 11.53
C ILE B 232 -8.16 0.38 11.26
N ILE B 233 -7.73 1.09 12.31
CA ILE B 233 -7.27 2.47 12.13
C ILE B 233 -6.10 2.51 11.16
N SER B 234 -5.12 1.62 11.33
CA SER B 234 -3.95 1.60 10.44
C SER B 234 -4.38 1.44 8.99
N ALA B 235 -5.21 0.45 8.71
CA ALA B 235 -5.73 0.24 7.36
C ALA B 235 -6.29 1.51 6.78
N LEU B 236 -7.24 2.13 7.48
CA LEU B 236 -7.87 3.34 6.98
C LEU B 236 -6.87 4.48 6.87
N VAL B 237 -6.00 4.63 7.87
CA VAL B 237 -4.98 5.68 7.78
C VAL B 237 -4.08 5.46 6.58
N THR B 238 -3.73 4.20 6.30
CA THR B 238 -2.84 3.92 5.17
C THR B 238 -3.54 4.14 3.84
N VAL B 239 -4.75 3.61 3.69
CA VAL B 239 -5.51 3.77 2.45
C VAL B 239 -5.74 5.25 2.16
N ALA B 240 -6.37 5.95 3.12
CA ALA B 240 -6.65 7.36 2.94
C ALA B 240 -5.38 8.14 2.59
N PHE B 241 -4.25 7.70 3.12
CA PHE B 241 -3.03 8.48 2.96
C PHE B 241 -2.32 8.20 1.64
N LEU B 242 -2.41 6.98 1.10
CA LEU B 242 -1.88 6.78 -0.24
C LEU B 242 -2.71 7.49 -1.29
N THR B 243 -4.00 7.72 -1.00
CA THR B 243 -4.81 8.52 -1.90
C THR B 243 -4.33 9.96 -1.94
N VAL B 244 -4.12 10.56 -0.76
CA VAL B 244 -3.63 11.94 -0.69
C VAL B 244 -2.28 12.07 -1.39
N TRP B 245 -1.45 11.01 -1.31
CA TRP B 245 -0.14 11.06 -1.95
C TRP B 245 -0.27 10.94 -3.46
N THR B 246 -0.95 9.89 -3.93
CA THR B 246 -1.10 9.70 -5.38
C THR B 246 -1.81 10.88 -6.03
N LEU B 247 -2.72 11.53 -5.30
CA LEU B 247 -3.43 12.68 -5.85
C LEU B 247 -2.48 13.80 -6.25
N GLN B 248 -1.29 13.87 -5.65
CA GLN B 248 -0.35 14.89 -6.08
C GLN B 248 0.16 14.66 -7.51
N ARG B 249 -0.32 13.62 -8.19
CA ARG B 249 0.02 13.36 -9.59
C ARG B 249 -1.15 13.56 -10.53
N THR B 250 -2.33 13.96 -10.03
CA THR B 250 -3.53 14.13 -10.85
C THR B 250 -3.20 14.81 -12.16
N ARG B 251 -2.38 15.84 -12.07
CA ARG B 251 -2.17 16.69 -13.22
C ARG B 251 -1.29 16.02 -14.28
N ASP B 252 -0.21 15.35 -13.87
CA ASP B 252 0.59 14.65 -14.86
C ASP B 252 -0.14 13.41 -15.37
N ILE B 253 -0.97 12.79 -14.54
CA ILE B 253 -1.84 11.73 -15.04
C ILE B 253 -2.84 12.29 -16.03
N ALA B 254 -3.43 13.46 -15.72
CA ALA B 254 -4.33 14.11 -16.66
C ALA B 254 -3.66 14.36 -18.01
N VAL B 255 -2.40 14.79 -18.00
CA VAL B 255 -1.71 15.08 -19.25
C VAL B 255 -1.46 13.80 -20.04
N LEU B 256 -1.06 12.72 -19.36
CA LEU B 256 -0.89 11.44 -20.04
C LEU B 256 -2.21 10.93 -20.60
N ALA B 257 -3.29 11.08 -19.83
CA ALA B 257 -4.61 10.67 -20.33
C ALA B 257 -4.96 11.44 -21.60
N ALA B 258 -4.73 12.75 -21.60
CA ALA B 258 -5.05 13.57 -22.78
C ALA B 258 -4.31 13.07 -24.01
N LEU B 259 -3.06 12.64 -23.85
CA LEU B 259 -2.29 12.19 -25.00
C LEU B 259 -2.71 10.81 -25.50
N GLY B 260 -3.38 10.03 -24.66
CA GLY B 260 -3.90 8.74 -25.09
C GLY B 260 -3.62 7.58 -24.18
N ALA B 261 -3.06 7.84 -22.99
CA ALA B 261 -2.75 6.75 -22.07
C ALA B 261 -4.02 6.04 -21.63
N SER B 262 -4.06 4.73 -21.80
CA SER B 262 -5.17 3.94 -21.30
C SER B 262 -5.15 3.95 -19.77
N LYS B 263 -6.31 3.70 -19.17
CA LYS B 263 -6.38 3.67 -17.73
C LYS B 263 -5.58 2.51 -17.15
N ARG B 264 -5.44 1.41 -17.89
CA ARG B 264 -4.58 0.32 -17.43
C ARG B 264 -3.13 0.77 -17.37
N TYR B 265 -2.65 1.43 -18.43
CA TYR B 265 -1.31 2.01 -18.42
C TYR B 265 -1.11 2.90 -17.21
N LEU B 266 -2.09 3.78 -16.93
CA LEU B 266 -1.94 4.73 -15.84
C LEU B 266 -1.96 4.03 -14.49
N LEU B 267 -2.84 3.04 -14.31
CA LEU B 267 -2.89 2.35 -13.03
C LEU B 267 -1.64 1.50 -12.81
N ILE B 268 -1.16 0.83 -13.87
CA ILE B 268 0.08 0.07 -13.76
C ILE B 268 1.23 1.00 -13.36
N ASP B 269 1.36 2.13 -14.06
CA ASP B 269 2.37 3.12 -13.69
C ASP B 269 2.23 3.52 -12.23
N ALA B 270 1.00 3.78 -11.79
CA ALA B 270 0.79 4.31 -10.45
C ALA B 270 1.13 3.28 -9.37
N LEU B 271 0.64 2.05 -9.52
CA LEU B 271 0.97 1.08 -8.49
C LEU B 271 2.37 0.50 -8.67
N GLY B 272 2.89 0.51 -9.89
CA GLY B 272 4.31 0.21 -10.06
C GLY B 272 5.18 1.12 -9.21
N GLN B 273 4.93 2.43 -9.30
CA GLN B 273 5.63 3.37 -8.43
C GLN B 273 5.30 3.12 -6.96
N ALA B 274 4.02 2.99 -6.64
CA ALA B 274 3.62 2.78 -5.25
C ALA B 274 4.21 1.49 -4.70
N ALA B 275 4.18 0.42 -5.49
CA ALA B 275 4.76 -0.84 -5.04
C ALA B 275 6.21 -0.68 -4.61
N ILE B 276 6.98 0.11 -5.36
CA ILE B 276 8.39 0.29 -5.04
C ILE B 276 8.55 1.03 -3.71
N ILE B 277 7.83 2.14 -3.54
CA ILE B 277 8.00 2.95 -2.34
C ILE B 277 7.44 2.24 -1.11
N LEU B 278 6.27 1.62 -1.24
CA LEU B 278 5.71 0.89 -0.11
C LEU B 278 6.59 -0.29 0.27
N ALA B 279 7.15 -0.99 -0.72
CA ALA B 279 8.06 -2.08 -0.44
C ALA B 279 9.20 -1.62 0.45
N ALA B 280 9.85 -0.52 0.07
CA ALA B 280 10.91 0.04 0.90
C ALA B 280 10.41 0.34 2.31
N GLY B 281 9.28 1.03 2.41
CA GLY B 281 8.81 1.48 3.71
C GLY B 281 8.51 0.34 4.68
N VAL B 282 7.79 -0.67 4.20
CA VAL B 282 7.45 -1.79 5.08
C VAL B 282 8.67 -2.64 5.37
N ALA B 283 9.54 -2.83 4.36
CA ALA B 283 10.76 -3.60 4.58
C ALA B 283 11.58 -2.99 5.71
N LEU B 284 11.80 -1.68 5.67
CA LEU B 284 12.57 -1.07 6.73
C LEU B 284 11.77 -1.00 8.03
N GLY B 285 10.50 -0.61 7.94
CA GLY B 285 9.66 -0.58 9.13
C GLY B 285 9.60 -1.92 9.84
N ALA B 286 9.48 -3.01 9.07
CA ALA B 286 9.53 -4.34 9.66
C ALA B 286 10.94 -4.73 10.05
N GLY B 287 11.94 -4.20 9.35
CA GLY B 287 13.33 -4.42 9.73
C GLY B 287 13.63 -3.81 11.07
N ILE B 288 13.48 -2.48 11.16
CA ILE B 288 13.66 -1.79 12.44
C ILE B 288 12.77 -2.39 13.51
N GLY B 289 11.65 -3.01 13.11
CA GLY B 289 10.81 -3.72 14.04
C GLY B 289 11.52 -4.85 14.74
N ALA B 290 11.99 -5.82 13.96
CA ALA B 290 12.61 -7.02 14.55
C ALA B 290 13.84 -6.66 15.37
N LEU B 291 14.68 -5.75 14.87
CA LEU B 291 15.89 -5.39 15.59
CA LEU B 291 15.90 -5.39 15.59
C LEU B 291 15.56 -4.65 16.88
N LEU B 292 14.80 -3.56 16.78
CA LEU B 292 14.35 -2.85 17.98
C LEU B 292 13.62 -3.79 18.92
N GLY B 293 12.78 -4.67 18.37
CA GLY B 293 12.01 -5.57 19.22
C GLY B 293 12.87 -6.63 19.90
N TRP B 294 13.78 -7.24 19.14
CA TRP B 294 14.72 -8.19 19.74
C TRP B 294 15.60 -7.49 20.77
N LEU B 295 15.91 -6.21 20.55
CA LEU B 295 16.75 -5.45 21.46
C LEU B 295 16.06 -5.20 22.80
N ILE B 296 14.73 -5.10 22.79
CA ILE B 296 13.97 -4.72 23.98
C ILE B 296 13.34 -5.90 24.69
N ALA B 297 13.43 -7.10 24.12
CA ALA B 297 12.76 -8.26 24.68
C ALA B 297 13.49 -8.86 25.89
N GLY B 298 14.34 -8.08 26.56
CA GLY B 298 14.98 -8.54 27.78
C GLY B 298 14.40 -7.84 28.99
N SER B 299 14.02 -6.58 28.82
CA SER B 299 13.45 -5.78 29.89
C SER B 299 11.93 -5.77 29.87
N VAL B 300 11.32 -5.97 28.71
CA VAL B 300 9.86 -5.93 28.56
C VAL B 300 9.41 -7.20 27.83
N PRO B 301 8.31 -7.85 28.26
CA PRO B 301 7.81 -9.00 27.50
C PRO B 301 7.37 -8.62 26.11
N PHE B 302 8.00 -9.23 25.10
CA PHE B 302 7.80 -8.89 23.69
C PHE B 302 7.90 -10.18 22.88
N SER B 303 6.75 -10.79 22.61
CA SER B 303 6.67 -11.99 21.79
C SER B 303 6.32 -11.59 20.36
N LEU B 304 7.01 -12.19 19.39
CA LEU B 304 6.77 -11.83 18.00
C LEU B 304 7.32 -12.92 17.09
N GLY B 305 6.44 -13.57 16.33
CA GLY B 305 6.83 -14.57 15.36
C GLY B 305 7.24 -13.96 14.03
N TRP B 306 7.00 -14.69 12.95
CA TRP B 306 7.28 -14.18 11.62
CA TRP B 306 7.28 -14.17 11.62
C TRP B 306 6.03 -13.89 10.79
N VAL B 307 4.89 -14.50 11.14
CA VAL B 307 3.63 -14.05 10.57
C VAL B 307 3.18 -12.74 11.21
N SER B 308 3.80 -12.32 12.32
CA SER B 308 3.48 -11.06 12.98
C SER B 308 4.43 -9.93 12.62
N VAL B 309 5.48 -10.19 11.85
CA VAL B 309 6.27 -9.12 11.22
C VAL B 309 5.95 -8.99 9.74
N LEU B 310 5.81 -10.11 9.05
CA LEU B 310 5.55 -10.06 7.62
C LEU B 310 4.07 -10.12 7.29
N GLY B 311 3.26 -10.62 8.22
CA GLY B 311 1.83 -10.46 8.14
C GLY B 311 1.41 -9.00 8.01
N PRO B 312 1.85 -8.15 8.95
CA PRO B 312 1.54 -6.72 8.82
C PRO B 312 2.19 -6.07 7.61
N ALA B 313 3.45 -6.45 7.30
CA ALA B 313 4.18 -5.80 6.23
C ALA B 313 3.44 -5.89 4.91
N LEU B 314 3.03 -7.09 4.50
CA LEU B 314 2.31 -7.18 3.24
C LEU B 314 0.90 -6.63 3.37
N GLY B 315 0.32 -6.70 4.57
CA GLY B 315 -0.96 -6.05 4.80
C GLY B 315 -0.95 -4.59 4.41
N ILE B 316 0.10 -3.86 4.82
CA ILE B 316 0.23 -2.46 4.44
C ILE B 316 0.57 -2.33 2.97
N TRP B 317 1.37 -3.27 2.44
CA TRP B 317 1.78 -3.18 1.04
C TRP B 317 0.56 -3.21 0.12
N LEU B 318 -0.40 -4.09 0.37
CA LEU B 318 -1.55 -4.11 -0.53
C LEU B 318 -2.58 -3.04 -0.19
N LEU B 319 -2.75 -2.76 1.11
CA LEU B 319 -3.66 -1.67 1.49
C LEU B 319 -3.22 -0.36 0.88
N GLY B 320 -1.91 -0.12 0.80
CA GLY B 320 -1.44 1.09 0.15
C GLY B 320 -1.69 1.09 -1.34
N LEU B 321 -1.58 -0.07 -1.98
CA LEU B 321 -1.84 -0.13 -3.41
C LEU B 321 -3.30 0.17 -3.74
N ILE B 322 -4.24 -0.24 -2.89
CA ILE B 322 -5.63 0.12 -3.16
C ILE B 322 -5.82 1.63 -2.98
N GLY B 323 -5.18 2.22 -1.97
CA GLY B 323 -5.24 3.67 -1.81
C GLY B 323 -4.76 4.39 -3.05
N ALA B 324 -3.67 3.92 -3.65
CA ALA B 324 -3.22 4.46 -4.92
C ALA B 324 -4.22 4.20 -6.03
N THR B 325 -4.87 3.02 -6.01
CA THR B 325 -5.90 2.73 -7.00
C THR B 325 -7.07 3.70 -6.87
N ILE B 326 -7.47 4.00 -5.64
CA ILE B 326 -8.57 4.95 -5.42
C ILE B 326 -8.27 6.28 -6.10
N ALA B 327 -7.05 6.79 -5.93
CA ALA B 327 -6.72 8.10 -6.47
C ALA B 327 -6.71 8.09 -7.99
N VAL B 328 -5.98 7.15 -8.60
CA VAL B 328 -5.88 7.08 -10.05
C VAL B 328 -7.26 6.92 -10.68
N ARG B 329 -8.16 6.22 -10.01
CA ARG B 329 -9.48 6.03 -10.56
C ARG B 329 -10.26 7.34 -10.58
N ASN B 330 -10.15 8.15 -9.51
CA ASN B 330 -10.95 9.37 -9.48
C ASN B 330 -10.44 10.44 -10.43
N VAL B 331 -9.28 10.24 -11.04
CA VAL B 331 -8.80 11.15 -12.09
C VAL B 331 -9.16 10.62 -13.48
N THR B 332 -8.94 9.32 -13.71
CA THR B 332 -9.21 8.71 -15.00
C THR B 332 -10.69 8.54 -15.25
N LYS B 333 -11.52 8.65 -14.21
CA LYS B 333 -12.96 8.57 -14.37
C LYS B 333 -13.48 9.64 -15.31
N VAL B 334 -12.87 10.82 -15.28
CA VAL B 334 -13.43 12.00 -15.93
C VAL B 334 -12.82 12.17 -17.31
N ASP B 335 -13.59 12.78 -18.21
CA ASP B 335 -13.03 13.24 -19.47
C ASP B 335 -11.78 14.07 -19.21
N PRO B 336 -10.71 13.88 -19.98
CA PRO B 336 -9.44 14.54 -19.63
C PRO B 336 -9.49 16.06 -19.61
N GLN B 337 -10.42 16.68 -20.36
CA GLN B 337 -10.50 18.14 -20.36
C GLN B 337 -10.83 18.68 -18.97
N ILE B 338 -11.66 17.95 -18.21
CA ILE B 338 -12.00 18.41 -16.87
C ILE B 338 -10.81 18.22 -15.92
N ALA B 339 -10.10 17.10 -16.05
CA ALA B 339 -8.92 16.87 -15.22
C ALA B 339 -7.87 17.95 -15.48
N LEU B 340 -7.66 18.31 -16.74
CA LEU B 340 -6.75 19.39 -17.07
C LEU B 340 -7.24 20.73 -16.54
N GLY B 341 -8.53 20.83 -16.21
CA GLY B 341 -9.10 22.05 -15.66
C GLY B 341 -8.92 22.15 -14.17
N ALA B 342 -9.21 21.06 -13.46
CA ALA B 342 -8.98 21.04 -12.01
C ALA B 342 -7.53 21.34 -11.66
N THR B 343 -6.62 21.22 -12.62
CA THR B 343 -5.26 21.70 -12.48
C THR B 343 -5.14 23.11 -13.03
N ALA B 344 -4.22 23.88 -12.47
CA ALA B 344 -4.04 25.27 -12.86
C ALA B 344 -3.16 25.41 -14.09
#